data_3MFN
#
_entry.id   3MFN
#
_cell.length_a   69.779
_cell.length_b   83.650
_cell.length_c   93.773
_cell.angle_alpha   90.000
_cell.angle_beta   90.000
_cell.angle_gamma   90.000
#
_symmetry.space_group_name_H-M   'P 21 21 21'
#
loop_
_entity.id
_entity.type
_entity.pdbx_description
1 polymer 'Uncharacterized protein'
2 non-polymer 'ACETATE ION'
3 water water
#
_entity_poly.entity_id   1
_entity_poly.type   'polypeptide(L)'
_entity_poly.pdbx_seq_one_letter_code
;(MSE)GSSHHHHHHSSGRENLYFQGH(MSE)IKKQELSAQEAVIEAKRYLNNAKDILRDKGGKEDGFYQDSKYVK(MSE)
AGHTAYSGVLFALDHYFGKKTKGRKDVDWYKSNLAQQDKKILNTFVSVYEQLHLV(MSE)AYDGVGDAEVVKLGFQRAEI
IIDWVERRLAAGS
;
_entity_poly.pdbx_strand_id   A,B,C,D
#
loop_
_chem_comp.id
_chem_comp.type
_chem_comp.name
_chem_comp.formula
ACT non-polymer 'ACETATE ION' 'C2 H3 O2 -1'
#
# COMPACT_ATOMS: atom_id res chain seq x y z
N ALA A 31 14.67 8.27 18.63
CA ALA A 31 15.39 9.58 18.58
C ALA A 31 15.19 10.09 17.17
N GLN A 32 16.02 11.04 16.70
CA GLN A 32 15.83 11.53 15.31
CA GLN A 32 15.87 11.53 15.31
C GLN A 32 16.80 10.93 14.26
N GLU A 33 17.40 9.79 14.62
CA GLU A 33 17.88 8.83 13.64
C GLU A 33 16.67 8.04 13.01
N ALA A 34 15.46 8.50 13.32
CA ALA A 34 14.32 8.32 12.43
C ALA A 34 14.69 8.74 11.00
N VAL A 35 15.38 9.86 10.84
CA VAL A 35 15.82 10.32 9.51
C VAL A 35 16.76 9.31 8.81
N ILE A 36 17.68 8.73 9.58
CA ILE A 36 18.60 7.74 9.04
C ILE A 36 17.88 6.49 8.58
N GLU A 37 16.98 5.99 9.41
CA GLU A 37 16.22 4.81 9.08
C GLU A 37 15.33 5.04 7.79
N ALA A 38 14.73 6.22 7.65
CA ALA A 38 14.02 6.63 6.44
C ALA A 38 14.89 6.50 5.21
N LYS A 39 16.13 6.95 5.30
CA LYS A 39 17.06 6.89 4.20
C LYS A 39 17.50 5.43 3.96
N ARG A 40 17.53 4.59 5.00
CA ARG A 40 17.81 3.19 4.79
CA ARG A 40 17.78 3.14 4.84
C ARG A 40 16.70 2.54 3.94
N TYR A 41 15.45 2.93 4.16
CA TYR A 41 14.32 2.40 3.37
C TYR A 41 14.49 2.85 1.91
N LEU A 42 14.78 4.12 1.72
CA LEU A 42 14.94 4.67 0.36
C LEU A 42 16.06 4.00 -0.40
N ASN A 43 17.22 3.85 0.23
CA ASN A 43 18.35 3.20 -0.41
C ASN A 43 18.16 1.74 -0.62
N ASN A 44 17.47 1.09 0.32
CA ASN A 44 17.10 -0.30 0.09
CA ASN A 44 17.13 -0.30 0.09
C ASN A 44 16.26 -0.40 -1.15
N ALA A 45 15.28 0.49 -1.28
CA ALA A 45 14.43 0.55 -2.44
C ALA A 45 15.22 0.72 -3.75
N LYS A 46 16.22 1.59 -3.75
CA LYS A 46 17.06 1.76 -4.97
C LYS A 46 17.84 0.48 -5.24
N ASP A 47 18.33 -0.18 -4.17
CA ASP A 47 19.09 -1.41 -4.37
C ASP A 47 18.24 -2.52 -4.95
N ILE A 48 16.99 -2.61 -4.49
CA ILE A 48 16.09 -3.62 -5.01
C ILE A 48 15.89 -3.39 -6.52
N LEU A 49 15.68 -2.13 -6.92
CA LEU A 49 15.50 -1.87 -8.35
C LEU A 49 16.77 -2.25 -9.12
N ARG A 50 17.93 -1.89 -8.61
CA ARG A 50 19.21 -2.24 -9.30
C ARG A 50 19.39 -3.72 -9.40
N ASP A 51 19.15 -4.43 -8.29
CA ASP A 51 19.48 -5.86 -8.20
C ASP A 51 18.40 -6.78 -8.79
N LYS A 52 17.11 -6.39 -8.73
CA LYS A 52 16.00 -7.28 -9.09
CA LYS A 52 16.01 -7.29 -9.10
C LYS A 52 14.94 -6.63 -9.96
N GLY A 53 15.06 -5.33 -10.24
CA GLY A 53 14.07 -4.60 -11.01
C GLY A 53 14.05 -4.98 -12.48
N GLY A 54 15.16 -5.52 -12.99
CA GLY A 54 15.23 -5.97 -14.38
C GLY A 54 15.19 -4.81 -15.36
N LYS A 55 15.92 -3.74 -15.10
CA LYS A 55 15.83 -2.57 -15.97
C LYS A 55 16.29 -2.84 -17.40
N GLU A 56 15.51 -2.30 -18.35
CA GLU A 56 15.75 -2.58 -19.76
C GLU A 56 15.15 -1.44 -20.57
N ASP A 57 15.92 -0.88 -21.50
CA ASP A 57 15.40 0.21 -22.31
C ASP A 57 14.78 1.34 -21.42
N GLY A 58 15.25 1.53 -20.21
CA GLY A 58 14.73 2.56 -19.32
C GLY A 58 13.46 2.16 -18.54
N PHE A 59 13.01 0.91 -18.64
CA PHE A 59 11.89 0.44 -17.83
C PHE A 59 12.25 -0.80 -17.02
N TYR A 60 11.88 -0.78 -15.75
CA TYR A 60 12.03 -1.92 -14.85
C TYR A 60 11.03 -2.95 -15.28
N GLN A 61 11.47 -4.16 -15.62
CA GLN A 61 10.55 -5.17 -16.23
C GLN A 61 9.86 -6.06 -15.21
N ASP A 62 10.41 -6.19 -14.01
CA ASP A 62 9.80 -7.09 -13.07
C ASP A 62 8.90 -6.32 -12.06
N SER A 63 7.58 -6.32 -12.31
CA SER A 63 6.61 -5.56 -11.52
C SER A 63 6.62 -5.89 -10.05
N LYS A 64 6.89 -7.13 -9.73
CA LYS A 64 6.94 -7.59 -8.36
CA LYS A 64 6.91 -7.55 -8.33
C LYS A 64 7.91 -6.72 -7.55
N TYR A 65 9.06 -6.45 -8.13
CA TYR A 65 10.11 -5.70 -7.45
C TYR A 65 9.92 -4.24 -7.57
N VAL A 66 9.29 -3.80 -8.64
CA VAL A 66 8.86 -2.41 -8.72
C VAL A 66 7.86 -2.07 -7.62
N LYS A 67 6.92 -2.96 -7.41
CA LYS A 67 5.97 -2.83 -6.29
C LYS A 67 6.63 -2.78 -4.89
N MSE A 68 7.58 -3.67 -4.67
CA MSE A 68 8.31 -3.81 -3.42
C MSE A 68 9.15 -2.61 -3.14
O MSE A 68 9.13 -2.06 -2.01
CB MSE A 68 9.24 -5.09 -3.59
CG MSE A 68 9.77 -5.55 -2.34
SE MSE A 68 10.91 -7.09 -2.48
CE MSE A 68 9.83 -8.34 -3.43
N ALA A 69 9.84 -2.14 -4.20
CA ALA A 69 10.65 -0.94 -4.11
C ALA A 69 9.82 0.25 -3.84
N GLY A 70 8.72 0.40 -4.56
CA GLY A 70 7.85 1.50 -4.28
C GLY A 70 7.32 1.56 -2.88
N HIS A 71 6.85 0.42 -2.39
CA HIS A 71 6.28 0.35 -1.06
C HIS A 71 7.35 0.71 0.00
N THR A 72 8.55 0.15 -0.19
CA THR A 72 9.64 0.38 0.72
C THR A 72 10.05 1.88 0.74
N ALA A 73 10.25 2.46 -0.45
CA ALA A 73 10.58 3.90 -0.52
C ALA A 73 9.50 4.78 0.12
N TYR A 74 8.24 4.55 -0.22
CA TYR A 74 7.14 5.25 0.35
C TYR A 74 7.05 5.07 1.88
N SER A 75 7.25 3.85 2.38
CA SER A 75 7.22 3.56 3.83
C SER A 75 8.36 4.32 4.52
N GLY A 76 9.47 4.50 3.81
CA GLY A 76 10.58 5.34 4.32
C GLY A 76 10.15 6.76 4.60
N VAL A 77 9.52 7.38 3.60
CA VAL A 77 9.00 8.70 3.73
C VAL A 77 8.01 8.77 4.90
N LEU A 78 7.04 7.87 4.94
CA LEU A 78 6.11 7.83 6.07
C LEU A 78 6.80 7.68 7.43
N PHE A 79 7.86 6.87 7.50
CA PHE A 79 8.62 6.71 8.72
C PHE A 79 9.18 8.05 9.24
N ALA A 80 9.81 8.83 8.37
CA ALA A 80 10.25 10.18 8.74
C ALA A 80 9.05 11.01 9.17
N LEU A 81 7.96 11.02 8.39
CA LEU A 81 6.78 11.80 8.75
C LEU A 81 6.14 11.40 10.08
N ASP A 82 6.05 10.11 10.35
CA ASP A 82 5.42 9.60 11.56
C ASP A 82 6.20 10.03 12.77
N HIS A 83 7.52 10.06 12.60
CA HIS A 83 8.38 10.48 13.68
CA HIS A 83 8.37 10.46 13.68
C HIS A 83 8.25 11.96 13.94
N TYR A 84 8.06 12.78 12.91
CA TYR A 84 7.93 14.23 13.10
C TYR A 84 6.55 14.65 13.66
N PHE A 85 5.48 14.08 13.10
CA PHE A 85 4.11 14.51 13.40
C PHE A 85 3.50 13.71 14.59
N GLY A 86 4.14 12.60 14.90
CA GLY A 86 3.70 11.75 15.98
C GLY A 86 2.46 10.96 15.60
N LYS A 87 1.48 10.99 16.51
CA LYS A 87 0.45 9.97 16.47
C LYS A 87 -0.92 10.56 16.24
N LYS A 88 -1.77 9.81 15.57
CA LYS A 88 -3.14 10.19 15.35
C LYS A 88 -3.96 9.53 16.44
N THR A 89 -4.90 10.28 17.01
CA THR A 89 -5.46 9.84 18.28
C THR A 89 -6.38 8.63 18.11
N LYS A 90 -7.08 8.54 16.99
CA LYS A 90 -7.98 7.43 16.75
C LYS A 90 -7.77 6.75 15.39
N GLY A 91 -7.84 5.42 15.35
CA GLY A 91 -7.86 4.69 14.09
C GLY A 91 -6.46 4.61 13.50
N ARG A 92 -6.37 4.46 12.17
CA ARG A 92 -5.11 4.35 11.48
C ARG A 92 -4.94 5.58 10.59
N LYS A 93 -3.68 5.93 10.36
CA LYS A 93 -3.31 6.97 9.42
C LYS A 93 -3.57 6.53 8.00
N ASP A 94 -3.77 7.51 7.14
CA ASP A 94 -3.84 7.27 5.71
C ASP A 94 -3.31 8.52 5.07
N VAL A 95 -3.43 8.61 3.76
CA VAL A 95 -2.82 9.67 3.01
C VAL A 95 -3.37 11.01 3.44
N ASP A 96 -4.66 11.08 3.77
CA ASP A 96 -5.27 12.36 4.18
C ASP A 96 -4.68 12.89 5.51
N TRP A 97 -4.29 12.00 6.42
CA TRP A 97 -3.65 12.44 7.63
C TRP A 97 -2.32 13.13 7.31
N TYR A 98 -1.53 12.59 6.40
CA TYR A 98 -0.24 13.22 6.08
C TYR A 98 -0.47 14.53 5.36
N LYS A 99 -1.43 14.56 4.47
CA LYS A 99 -1.68 15.82 3.69
C LYS A 99 -2.18 16.98 4.57
N SER A 100 -3.10 16.70 5.47
CA SER A 100 -3.67 17.78 6.27
C SER A 100 -2.59 18.27 7.25
N ASN A 101 -1.73 17.36 7.76
CA ASN A 101 -0.58 17.79 8.59
C ASN A 101 0.42 18.66 7.80
N LEU A 102 0.64 18.33 6.53
CA LEU A 102 1.57 19.09 5.72
C LEU A 102 0.95 20.37 5.19
N ALA A 103 -0.37 20.43 5.05
CA ALA A 103 -0.97 21.64 4.55
C ALA A 103 -0.78 22.77 5.59
N GLN A 104 -0.86 22.43 6.88
CA GLN A 104 -0.72 23.43 7.96
CA GLN A 104 -0.70 23.38 7.99
C GLN A 104 0.72 23.96 8.03
N GLN A 105 1.64 23.32 7.32
CA GLN A 105 3.05 23.63 7.44
C GLN A 105 3.66 24.35 6.24
N ASP A 106 3.29 24.01 5.00
CA ASP A 106 4.07 24.50 3.84
C ASP A 106 3.69 23.79 2.54
N LYS A 107 3.34 24.57 1.53
CA LYS A 107 2.54 24.09 0.41
C LYS A 107 3.42 23.39 -0.64
N LYS A 108 4.65 23.88 -0.77
CA LYS A 108 5.60 23.26 -1.66
C LYS A 108 5.81 21.83 -1.20
N ILE A 109 5.84 21.63 0.12
CA ILE A 109 6.17 20.35 0.68
C ILE A 109 4.95 19.46 0.58
N LEU A 110 3.77 20.03 0.73
CA LEU A 110 2.52 19.33 0.44
C LEU A 110 2.52 18.77 -0.97
N ASN A 111 2.75 19.62 -1.96
CA ASN A 111 2.71 19.19 -3.36
C ASN A 111 3.77 18.13 -3.59
N THR A 112 4.96 18.32 -3.01
CA THR A 112 6.03 17.36 -3.12
C THR A 112 5.58 15.98 -2.58
N PHE A 113 4.95 15.96 -1.41
CA PHE A 113 4.49 14.72 -0.85
C PHE A 113 3.42 14.08 -1.72
N VAL A 114 2.53 14.88 -2.30
CA VAL A 114 1.43 14.29 -3.11
C VAL A 114 2.03 13.55 -4.32
N SER A 115 3.08 14.14 -4.88
CA SER A 115 3.79 13.57 -5.99
C SER A 115 4.48 12.28 -5.56
N VAL A 116 5.16 12.28 -4.40
CA VAL A 116 5.64 11.03 -3.81
C VAL A 116 4.57 9.94 -3.69
N TYR A 117 3.41 10.32 -3.15
CA TYR A 117 2.27 9.44 -3.04
C TYR A 117 1.85 8.90 -4.39
N GLU A 118 1.74 9.78 -5.38
CA GLU A 118 1.36 9.36 -6.72
C GLU A 118 2.38 8.40 -7.31
N GLN A 119 3.65 8.78 -7.26
CA GLN A 119 4.67 8.05 -7.96
C GLN A 119 5.12 6.80 -7.27
N LEU A 120 5.30 6.87 -5.95
CA LEU A 120 5.85 5.72 -5.23
C LEU A 120 4.78 4.80 -4.71
N HIS A 121 3.71 5.37 -4.15
CA HIS A 121 2.64 4.57 -3.60
C HIS A 121 1.68 4.04 -4.68
N LEU A 122 1.20 4.89 -5.60
CA LEU A 122 0.22 4.43 -6.60
C LEU A 122 0.86 3.78 -7.82
N VAL A 123 1.70 4.54 -8.53
CA VAL A 123 2.25 4.03 -9.78
C VAL A 123 3.20 2.81 -9.59
N MSE A 124 4.13 2.93 -8.67
CA MSE A 124 5.09 1.82 -8.39
C MSE A 124 4.45 0.83 -7.43
O MSE A 124 4.20 -0.30 -7.79
CB MSE A 124 6.37 2.38 -7.73
CG MSE A 124 7.18 3.19 -8.66
SE MSE A 124 8.71 3.89 -7.75
CE MSE A 124 9.75 2.27 -7.78
N ALA A 125 4.14 1.23 -6.19
CA ALA A 125 3.77 0.17 -5.18
C ALA A 125 2.55 -0.65 -5.54
N TYR A 126 1.53 0.02 -6.05
CA TYR A 126 0.29 -0.59 -6.39
C TYR A 126 0.22 -1.12 -7.79
N ASP A 127 0.61 -0.31 -8.78
CA ASP A 127 0.50 -0.75 -10.20
C ASP A 127 1.73 -1.39 -10.77
N GLY A 128 2.86 -1.23 -10.10
CA GLY A 128 4.07 -1.92 -10.54
C GLY A 128 4.68 -1.38 -11.79
N VAL A 129 4.52 -0.08 -12.03
CA VAL A 129 5.05 0.50 -13.26
C VAL A 129 6.31 1.27 -12.94
N GLY A 130 7.40 0.91 -13.60
CA GLY A 130 8.68 1.53 -13.27
C GLY A 130 9.39 2.15 -14.45
N ASP A 131 9.07 3.40 -14.71
CA ASP A 131 9.72 4.19 -15.75
C ASP A 131 10.89 4.83 -15.07
N ALA A 132 12.12 4.35 -15.38
CA ALA A 132 13.27 4.62 -14.54
C ALA A 132 13.51 6.08 -14.35
N GLU A 133 13.36 6.88 -15.41
CA GLU A 133 13.53 8.34 -15.32
CA GLU A 133 13.62 8.29 -15.19
C GLU A 133 12.49 8.93 -14.38
N VAL A 134 11.26 8.48 -14.52
CA VAL A 134 10.19 8.98 -13.64
C VAL A 134 10.44 8.51 -12.16
N VAL A 135 10.80 7.24 -12.00
CA VAL A 135 11.16 6.70 -10.67
C VAL A 135 12.23 7.55 -9.98
N LYS A 136 13.26 7.92 -10.75
CA LYS A 136 14.31 8.82 -10.23
CA LYS A 136 14.32 8.80 -10.24
C LYS A 136 13.76 10.10 -9.68
N LEU A 137 12.88 10.75 -10.41
CA LEU A 137 12.26 11.97 -9.88
C LEU A 137 11.45 11.67 -8.63
N GLY A 138 10.74 10.56 -8.64
CA GLY A 138 9.95 10.20 -7.46
C GLY A 138 10.84 10.08 -6.23
N PHE A 139 11.96 9.39 -6.40
CA PHE A 139 12.96 9.26 -5.35
C PHE A 139 13.60 10.57 -4.94
N GLN A 140 13.83 11.52 -5.87
CA GLN A 140 14.30 12.85 -5.49
CA GLN A 140 14.31 12.84 -5.46
C GLN A 140 13.27 13.56 -4.62
N ARG A 141 11.98 13.43 -4.95
CA ARG A 141 10.89 14.08 -4.17
C ARG A 141 10.87 13.51 -2.74
N ALA A 142 11.05 12.21 -2.63
CA ALA A 142 11.12 11.48 -1.36
C ALA A 142 12.30 11.98 -0.52
N GLU A 143 13.50 12.14 -1.08
CA GLU A 143 14.62 12.68 -0.31
CA GLU A 143 14.60 12.65 -0.27
C GLU A 143 14.36 14.12 0.11
N ILE A 144 13.62 14.87 -0.71
CA ILE A 144 13.23 16.22 -0.35
C ILE A 144 12.41 16.23 0.91
N ILE A 145 11.48 15.31 1.01
CA ILE A 145 10.60 15.23 2.17
C ILE A 145 11.38 14.78 3.39
N ILE A 146 12.28 13.82 3.22
CA ILE A 146 13.06 13.35 4.38
C ILE A 146 13.97 14.47 4.88
N ASP A 147 14.58 15.23 3.98
CA ASP A 147 15.45 16.33 4.38
C ASP A 147 14.64 17.42 5.06
N TRP A 148 13.43 17.66 4.58
CA TRP A 148 12.58 18.67 5.21
C TRP A 148 12.32 18.29 6.69
N VAL A 149 11.99 17.04 6.94
CA VAL A 149 11.85 16.52 8.30
C VAL A 149 13.11 16.69 9.13
N GLU A 150 14.24 16.20 8.63
CA GLU A 150 15.52 16.34 9.35
C GLU A 150 15.70 17.80 9.78
N ARG A 151 15.49 18.67 8.81
CA ARG A 151 15.73 20.08 8.93
C ARG A 151 14.74 20.83 9.82
N ARG A 152 13.53 20.30 10.01
CA ARG A 152 12.56 20.86 10.96
CA ARG A 152 12.57 20.88 10.96
C ARG A 152 12.91 20.42 12.38
N LEU A 153 13.20 19.14 12.53
CA LEU A 153 13.51 18.54 13.84
C LEU A 153 14.74 19.12 14.52
N ALA A 154 15.67 19.67 13.75
CA ALA A 154 16.86 20.32 14.31
C ALA A 154 16.63 21.85 14.48
N ALA A 155 15.37 22.30 14.38
CA ALA A 155 15.04 23.72 14.44
C ALA A 155 15.40 24.37 15.77
N LEU B 29 -1.02 -12.74 -20.34
CA LEU B 29 -0.94 -13.89 -19.40
C LEU B 29 -2.19 -14.80 -19.43
N SER B 30 -1.97 -16.10 -19.63
CA SER B 30 -3.00 -17.14 -19.44
C SER B 30 -3.36 -17.26 -17.96
N ALA B 31 -4.50 -17.91 -17.69
CA ALA B 31 -4.98 -18.10 -16.32
C ALA B 31 -3.94 -18.82 -15.47
N GLN B 32 -3.44 -19.93 -16.01
CA GLN B 32 -2.39 -20.71 -15.40
C GLN B 32 -1.22 -19.80 -15.01
N GLU B 33 -0.79 -18.97 -15.95
CA GLU B 33 0.35 -18.06 -15.73
C GLU B 33 0.07 -16.99 -14.65
N ALA B 34 -1.14 -16.44 -14.58
CA ALA B 34 -1.48 -15.41 -13.57
C ALA B 34 -1.40 -15.94 -12.13
N VAL B 35 -1.93 -17.14 -11.93
CA VAL B 35 -1.84 -17.87 -10.67
C VAL B 35 -0.39 -18.25 -10.36
N ILE B 36 0.39 -18.68 -11.34
CA ILE B 36 1.80 -18.97 -11.04
C ILE B 36 2.46 -17.68 -10.52
N GLU B 37 2.17 -16.56 -11.19
CA GLU B 37 2.74 -15.25 -10.80
C GLU B 37 2.25 -14.82 -9.42
N ALA B 38 0.95 -14.99 -9.15
CA ALA B 38 0.40 -14.73 -7.82
C ALA B 38 1.20 -15.48 -6.77
N LYS B 39 1.43 -16.76 -7.01
CA LYS B 39 2.17 -17.57 -6.04
C LYS B 39 3.65 -17.24 -5.98
N ARG B 40 4.25 -16.75 -7.06
CA ARG B 40 5.61 -16.25 -6.99
CA ARG B 40 5.63 -16.23 -6.99
C ARG B 40 5.68 -15.06 -5.97
N TYR B 41 4.65 -14.23 -5.97
CA TYR B 41 4.66 -13.07 -4.99
C TYR B 41 4.60 -13.63 -3.56
N LEU B 42 3.66 -14.51 -3.33
CA LEU B 42 3.50 -15.12 -2.04
C LEU B 42 4.74 -15.87 -1.52
N ASN B 43 5.40 -16.64 -2.38
CA ASN B 43 6.58 -17.39 -1.99
C ASN B 43 7.74 -16.42 -1.78
N ASN B 44 7.81 -15.35 -2.58
CA ASN B 44 8.83 -14.35 -2.34
CA ASN B 44 8.82 -14.32 -2.36
C ASN B 44 8.69 -13.72 -0.94
N ALA B 45 7.47 -13.45 -0.54
CA ALA B 45 7.20 -12.87 0.77
C ALA B 45 7.69 -13.81 1.89
N LYS B 46 7.41 -15.12 1.75
CA LYS B 46 7.79 -16.08 2.75
C LYS B 46 9.31 -16.12 2.88
N ASP B 47 9.96 -16.11 1.72
CA ASP B 47 11.39 -16.06 1.67
C ASP B 47 11.99 -14.79 2.33
N ILE B 48 11.37 -13.64 2.11
CA ILE B 48 11.84 -12.38 2.71
C ILE B 48 11.80 -12.49 4.23
N LEU B 49 10.75 -13.09 4.74
CA LEU B 49 10.62 -13.16 6.19
C LEU B 49 11.67 -14.08 6.78
N ARG B 50 11.88 -15.20 6.11
CA ARG B 50 12.83 -16.20 6.54
C ARG B 50 14.27 -15.64 6.49
N ASP B 51 14.61 -14.96 5.39
CA ASP B 51 15.98 -14.49 5.18
C ASP B 51 16.27 -13.17 5.84
N LYS B 52 15.28 -12.29 5.95
CA LYS B 52 15.56 -10.94 6.47
C LYS B 52 14.65 -10.42 7.53
N GLY B 53 13.59 -11.15 7.83
CA GLY B 53 12.64 -10.72 8.83
C GLY B 53 13.20 -10.67 10.24
N GLY B 54 14.27 -11.42 10.47
CA GLY B 54 14.95 -11.43 11.80
C GLY B 54 14.07 -12.04 12.87
N LYS B 55 13.53 -13.22 12.58
CA LYS B 55 12.59 -13.83 13.51
C LYS B 55 13.33 -14.12 14.80
N GLU B 56 12.65 -13.85 15.92
CA GLU B 56 13.24 -14.00 17.24
C GLU B 56 12.12 -14.09 18.25
N ASP B 57 11.98 -15.27 18.83
CA ASP B 57 10.97 -15.53 19.84
C ASP B 57 9.55 -15.34 19.29
N GLY B 58 9.35 -15.80 18.07
CA GLY B 58 8.04 -15.76 17.44
C GLY B 58 7.65 -14.41 16.79
N PHE B 59 8.55 -13.42 16.81
CA PHE B 59 8.34 -12.08 16.24
C PHE B 59 9.47 -11.63 15.33
N TYR B 60 9.10 -11.21 14.11
CA TYR B 60 10.03 -10.65 13.16
C TYR B 60 10.50 -9.33 13.70
N GLN B 61 11.80 -9.13 13.83
CA GLN B 61 12.31 -7.95 14.43
C GLN B 61 12.53 -6.81 13.46
N ASP B 62 12.65 -7.09 12.15
CA ASP B 62 12.99 -6.01 11.23
C ASP B 62 11.75 -5.54 10.49
N SER B 63 11.16 -4.43 10.96
CA SER B 63 9.92 -3.92 10.44
C SER B 63 10.00 -3.64 8.93
N LYS B 64 11.12 -3.15 8.48
CA LYS B 64 11.30 -2.82 7.10
CA LYS B 64 11.29 -2.82 7.09
C LYS B 64 10.95 -4.05 6.24
N TYR B 65 11.44 -5.24 6.63
CA TYR B 65 11.15 -6.45 5.87
C TYR B 65 9.80 -7.04 6.13
N VAL B 66 9.21 -6.80 7.32
CA VAL B 66 7.85 -7.23 7.53
C VAL B 66 6.95 -6.45 6.59
N LYS B 67 7.21 -5.17 6.47
CA LYS B 67 6.42 -4.30 5.59
C LYS B 67 6.50 -4.77 4.16
N MSE B 68 7.74 -5.06 3.76
CA MSE B 68 8.06 -5.55 2.41
C MSE B 68 7.35 -6.84 2.09
O MSE B 68 6.72 -6.97 1.02
CB MSE B 68 9.57 -5.68 2.25
CG MSE B 68 10.04 -5.68 0.88
SE MSE B 68 11.97 -5.89 0.76
CE MSE B 68 12.70 -4.35 1.70
N ALA B 69 7.42 -7.77 3.02
CA ALA B 69 6.79 -9.07 2.88
C ALA B 69 5.24 -9.00 2.85
N GLY B 70 4.67 -8.18 3.73
CA GLY B 70 3.26 -7.99 3.76
C GLY B 70 2.74 -7.43 2.45
N HIS B 71 3.41 -6.43 1.93
CA HIS B 71 2.97 -5.81 0.70
C HIS B 71 3.07 -6.76 -0.49
N THR B 72 4.15 -7.57 -0.50
CA THR B 72 4.42 -8.47 -1.59
C THR B 72 3.35 -9.54 -1.59
N ALA B 73 3.08 -10.15 -0.45
CA ALA B 73 2.02 -11.17 -0.34
C ALA B 73 0.66 -10.62 -0.72
N TYR B 74 0.27 -9.48 -0.15
CA TYR B 74 -1.01 -8.87 -0.47
C TYR B 74 -1.10 -8.54 -1.97
N SER B 75 -0.01 -8.03 -2.56
CA SER B 75 0.02 -7.68 -3.96
C SER B 75 -0.19 -8.92 -4.84
N GLY B 76 0.30 -10.07 -4.37
CA GLY B 76 -0.01 -11.33 -5.01
C GLY B 76 -1.47 -11.75 -5.03
N VAL B 77 -2.13 -11.59 -3.90
CA VAL B 77 -3.58 -11.72 -3.81
C VAL B 77 -4.27 -10.79 -4.83
N LEU B 78 -3.91 -9.52 -4.85
CA LEU B 78 -4.58 -8.60 -5.75
C LEU B 78 -4.28 -8.95 -7.21
N PHE B 79 -3.08 -9.45 -7.47
CA PHE B 79 -2.71 -9.89 -8.82
C PHE B 79 -3.62 -10.96 -9.34
N ALA B 80 -3.95 -11.94 -8.49
CA ALA B 80 -4.86 -13.00 -8.90
C ALA B 80 -6.26 -12.41 -9.11
N LEU B 81 -6.75 -11.66 -8.13
CA LEU B 81 -8.07 -11.06 -8.26
C LEU B 81 -8.15 -10.12 -9.48
N ASP B 82 -7.10 -9.36 -9.76
CA ASP B 82 -7.11 -8.48 -10.91
C ASP B 82 -7.34 -9.18 -12.22
N HIS B 83 -6.73 -10.37 -12.38
CA HIS B 83 -6.77 -11.11 -13.64
CA HIS B 83 -6.80 -11.04 -13.65
C HIS B 83 -8.16 -11.73 -13.78
N TYR B 84 -8.81 -11.98 -12.64
CA TYR B 84 -10.17 -12.52 -12.67
C TYR B 84 -11.25 -11.44 -12.87
N PHE B 85 -11.19 -10.39 -12.08
CA PHE B 85 -12.26 -9.38 -12.12
C PHE B 85 -12.16 -8.37 -13.30
N GLY B 86 -10.99 -8.22 -13.89
CA GLY B 86 -10.82 -7.31 -15.02
C GLY B 86 -10.48 -5.90 -14.55
N LYS B 87 -10.89 -4.89 -15.34
CA LYS B 87 -10.58 -3.49 -14.99
CA LYS B 87 -10.60 -3.48 -15.05
C LYS B 87 -11.78 -2.76 -14.41
N LYS B 88 -11.46 -1.85 -13.48
CA LYS B 88 -12.39 -0.90 -12.98
C LYS B 88 -12.50 0.16 -14.07
N THR B 89 -13.71 0.55 -14.40
CA THR B 89 -13.95 1.39 -15.58
C THR B 89 -13.29 2.77 -15.45
N LYS B 90 -13.51 3.40 -14.29
CA LYS B 90 -13.01 4.73 -13.97
C LYS B 90 -12.12 4.73 -12.71
N GLY B 91 -11.04 5.51 -12.76
CA GLY B 91 -10.15 5.69 -11.59
C GLY B 91 -9.33 4.47 -11.19
N ARG B 92 -8.99 4.34 -9.92
CA ARG B 92 -8.17 3.23 -9.47
C ARG B 92 -8.93 2.29 -8.55
N LYS B 93 -8.51 1.03 -8.57
CA LYS B 93 -9.02 0.04 -7.65
C LYS B 93 -8.58 0.37 -6.23
N ASP B 94 -9.37 -0.11 -5.28
CA ASP B 94 -8.97 -0.04 -3.88
C ASP B 94 -9.68 -1.20 -3.22
N VAL B 95 -9.58 -1.27 -1.88
CA VAL B 95 -10.09 -2.38 -1.12
C VAL B 95 -11.58 -2.56 -1.32
N ASP B 96 -12.31 -1.47 -1.47
CA ASP B 96 -13.76 -1.53 -1.63
C ASP B 96 -14.18 -2.13 -2.95
N TRP B 97 -13.37 -1.91 -3.97
CA TRP B 97 -13.64 -2.55 -5.25
C TRP B 97 -13.50 -4.06 -5.12
N TYR B 98 -12.48 -4.55 -4.40
CA TYR B 98 -12.30 -5.99 -4.26
C TYR B 98 -13.44 -6.54 -3.39
N LYS B 99 -13.74 -5.85 -2.28
CA LYS B 99 -14.84 -6.26 -1.42
C LYS B 99 -16.14 -6.38 -2.19
N SER B 100 -16.46 -5.33 -2.95
CA SER B 100 -17.70 -5.31 -3.75
C SER B 100 -17.75 -6.48 -4.69
N ASN B 101 -16.70 -6.68 -5.49
CA ASN B 101 -16.66 -7.83 -6.41
C ASN B 101 -16.78 -9.18 -5.71
N LEU B 102 -16.15 -9.33 -4.56
CA LEU B 102 -16.26 -10.58 -3.81
C LEU B 102 -17.61 -10.76 -3.12
N ALA B 103 -18.20 -9.69 -2.61
CA ALA B 103 -19.50 -9.80 -1.89
C ALA B 103 -20.57 -10.45 -2.76
N GLN B 104 -20.54 -10.11 -4.06
CA GLN B 104 -21.45 -10.66 -5.09
CA GLN B 104 -21.50 -10.65 -5.02
C GLN B 104 -21.33 -12.16 -5.20
N GLN B 105 -20.08 -12.61 -5.22
CA GLN B 105 -19.70 -13.98 -5.56
C GLN B 105 -19.74 -14.99 -4.42
N ASP B 106 -19.27 -14.60 -3.23
CA ASP B 106 -19.14 -15.54 -2.09
C ASP B 106 -18.71 -14.88 -0.78
N LYS B 107 -19.50 -15.08 0.27
CA LYS B 107 -19.24 -14.42 1.56
C LYS B 107 -18.00 -14.93 2.30
N LYS B 108 -17.73 -16.23 2.27
CA LYS B 108 -16.58 -16.74 3.00
C LYS B 108 -15.28 -16.26 2.38
N ILE B 109 -15.25 -16.16 1.06
CA ILE B 109 -14.09 -15.62 0.39
C ILE B 109 -13.98 -14.11 0.69
N LEU B 110 -15.12 -13.42 0.77
CA LEU B 110 -15.11 -12.00 1.17
C LEU B 110 -14.42 -11.85 2.52
N ASN B 111 -14.89 -12.60 3.50
CA ASN B 111 -14.33 -12.55 4.83
C ASN B 111 -12.87 -12.94 4.86
N THR B 112 -12.50 -13.94 4.07
CA THR B 112 -11.12 -14.38 3.98
C THR B 112 -10.28 -13.24 3.46
N PHE B 113 -10.77 -12.59 2.41
CA PHE B 113 -10.07 -11.44 1.84
C PHE B 113 -9.96 -10.27 2.81
N VAL B 114 -11.05 -9.92 3.47
CA VAL B 114 -10.98 -8.86 4.46
C VAL B 114 -9.92 -9.22 5.50
N SER B 115 -9.87 -10.48 5.96
CA SER B 115 -8.82 -10.84 6.90
C SER B 115 -7.41 -10.69 6.31
N VAL B 116 -7.27 -11.00 5.02
CA VAL B 116 -6.03 -10.77 4.31
C VAL B 116 -5.69 -9.28 4.26
N TYR B 117 -6.67 -8.42 4.04
CA TYR B 117 -6.40 -6.98 3.99
C TYR B 117 -5.89 -6.54 5.35
N GLU B 118 -6.51 -7.05 6.41
CA GLU B 118 -6.15 -6.64 7.75
C GLU B 118 -4.74 -7.08 8.09
N GLN B 119 -4.39 -8.34 7.84
CA GLN B 119 -3.19 -8.96 8.39
C GLN B 119 -2.00 -8.66 7.50
N LEU B 120 -2.21 -8.61 6.20
CA LEU B 120 -1.09 -8.44 5.28
C LEU B 120 -0.92 -7.02 4.90
N HIS B 121 -2.00 -6.32 4.57
CA HIS B 121 -1.90 -4.94 4.13
C HIS B 121 -1.79 -3.95 5.29
N LEU B 122 -2.61 -4.10 6.36
CA LEU B 122 -2.59 -3.13 7.43
C LEU B 122 -1.52 -3.50 8.48
N VAL B 123 -1.61 -4.67 9.10
CA VAL B 123 -0.74 -4.97 10.23
C VAL B 123 0.71 -5.12 9.76
N MSE B 124 0.93 -5.89 8.71
CA MSE B 124 2.27 -6.08 8.16
C MSE B 124 2.75 -4.95 7.28
O MSE B 124 3.75 -4.27 7.62
CB MSE B 124 2.35 -7.38 7.37
CG MSE B 124 2.12 -8.55 8.19
SE MSE B 124 2.24 -10.20 7.14
CE MSE B 124 4.17 -10.19 6.90
N ALA B 125 2.10 -4.73 6.15
CA ALA B 125 2.64 -3.83 5.10
C ALA B 125 2.72 -2.43 5.61
N TYR B 126 1.71 -2.00 6.35
CA TYR B 126 1.72 -0.62 6.82
C TYR B 126 2.37 -0.42 8.20
N ASP B 127 2.04 -1.27 9.15
CA ASP B 127 2.61 -1.10 10.51
C ASP B 127 3.84 -1.90 10.80
N GLY B 128 4.20 -2.87 9.96
CA GLY B 128 5.50 -3.53 10.18
C GLY B 128 5.52 -4.50 11.36
N VAL B 129 4.36 -5.02 11.75
CA VAL B 129 4.23 -5.89 12.92
C VAL B 129 4.09 -7.32 12.46
N GLY B 130 5.06 -8.15 12.81
CA GLY B 130 5.16 -9.56 12.34
C GLY B 130 5.15 -10.58 13.48
N ASP B 131 3.94 -10.92 13.91
CA ASP B 131 3.70 -11.99 14.89
C ASP B 131 3.63 -13.25 14.05
N ALA B 132 4.68 -14.08 14.12
CA ALA B 132 4.87 -15.12 13.09
C ALA B 132 3.69 -16.08 12.99
N GLU B 133 3.13 -16.49 14.12
CA GLU B 133 1.95 -17.35 14.11
C GLU B 133 0.77 -16.69 13.41
N VAL B 134 0.59 -15.39 13.62
CA VAL B 134 -0.50 -14.67 12.99
C VAL B 134 -0.20 -14.53 11.52
N VAL B 135 1.04 -14.20 11.20
CA VAL B 135 1.46 -14.07 9.82
C VAL B 135 1.18 -15.35 9.03
N LYS B 136 1.52 -16.51 9.61
CA LYS B 136 1.29 -17.82 8.98
C LYS B 136 -0.19 -18.00 8.62
N LEU B 137 -1.09 -17.63 9.52
CA LEU B 137 -2.55 -17.68 9.26
C LEU B 137 -2.92 -16.73 8.10
N GLY B 138 -2.39 -15.52 8.11
CA GLY B 138 -2.62 -14.58 7.04
C GLY B 138 -2.22 -15.09 5.67
N PHE B 139 -1.08 -15.74 5.62
CA PHE B 139 -0.57 -16.29 4.40
C PHE B 139 -1.43 -17.50 3.97
N GLN B 140 -1.95 -18.25 4.94
CA GLN B 140 -2.92 -19.30 4.67
CA GLN B 140 -2.92 -19.31 4.66
C GLN B 140 -4.15 -18.74 3.97
N ARG B 141 -4.69 -17.63 4.49
CA ARG B 141 -5.87 -17.00 3.93
C ARG B 141 -5.57 -16.54 2.50
N ALA B 142 -4.36 -16.05 2.29
CA ALA B 142 -3.95 -15.56 0.97
C ALA B 142 -4.03 -16.67 -0.03
N GLU B 143 -3.45 -17.82 0.32
CA GLU B 143 -3.45 -19.00 -0.57
CA GLU B 143 -3.44 -19.04 -0.53
C GLU B 143 -4.86 -19.44 -0.96
N ILE B 144 -5.80 -19.33 0.00
CA ILE B 144 -7.18 -19.73 -0.23
C ILE B 144 -7.76 -18.85 -1.33
N ILE B 145 -7.37 -17.58 -1.33
CA ILE B 145 -7.95 -16.67 -2.29
C ILE B 145 -7.35 -16.94 -3.67
N ILE B 146 -6.06 -17.21 -3.69
CA ILE B 146 -5.40 -17.50 -4.95
C ILE B 146 -5.98 -18.78 -5.58
N ASP B 147 -6.18 -19.79 -4.74
CA ASP B 147 -6.82 -21.02 -5.20
C ASP B 147 -8.22 -20.81 -5.78
N TRP B 148 -9.03 -20.06 -5.05
CA TRP B 148 -10.37 -19.74 -5.47
C TRP B 148 -10.33 -19.09 -6.86
N VAL B 149 -9.43 -18.12 -7.05
CA VAL B 149 -9.29 -17.48 -8.38
C VAL B 149 -8.99 -18.53 -9.46
N GLU B 150 -8.03 -19.42 -9.19
CA GLU B 150 -7.63 -20.45 -10.13
C GLU B 150 -8.85 -21.29 -10.61
N ARG B 151 -9.76 -21.60 -9.68
CA ARG B 151 -10.93 -22.42 -10.00
C ARG B 151 -11.95 -21.62 -10.77
N ARG B 152 -12.23 -20.43 -10.25
CA ARG B 152 -13.17 -19.50 -10.86
C ARG B 152 -12.82 -19.19 -12.34
N LEU B 153 -11.52 -19.16 -12.65
CA LEU B 153 -11.02 -18.91 -14.03
C LEU B 153 -11.24 -20.07 -15.07
N ALA B 154 -12.23 -20.92 -14.87
CA ALA B 154 -12.59 -21.91 -15.87
C ALA B 154 -14.03 -22.37 -15.70
N LEU C 29 -9.79 10.15 -42.81
CA LEU C 29 -8.37 10.51 -42.47
C LEU C 29 -7.40 9.48 -43.02
N SER C 30 -6.14 9.90 -43.14
CA SER C 30 -5.07 9.12 -43.75
C SER C 30 -3.95 8.95 -42.79
N ALA C 31 -2.86 8.34 -43.29
CA ALA C 31 -1.68 8.09 -42.50
C ALA C 31 -1.28 9.35 -41.72
N GLN C 32 -0.84 10.37 -42.46
CA GLN C 32 -0.19 11.50 -41.81
C GLN C 32 -1.17 12.53 -41.18
N GLU C 33 -2.40 12.58 -41.69
CA GLU C 33 -3.40 13.50 -41.12
C GLU C 33 -3.71 13.06 -39.71
N ALA C 34 -3.92 11.75 -39.56
CA ALA C 34 -4.10 11.11 -38.25
C ALA C 34 -2.99 11.42 -37.23
N VAL C 35 -1.73 11.25 -37.64
CA VAL C 35 -0.60 11.59 -36.81
C VAL C 35 -0.51 13.10 -36.52
N ILE C 36 -0.80 13.96 -37.50
CA ILE C 36 -0.87 15.43 -37.25
C ILE C 36 -1.88 15.82 -36.17
N GLU C 37 -3.08 15.29 -36.30
CA GLU C 37 -4.10 15.51 -35.30
C GLU C 37 -3.63 15.06 -33.90
N ALA C 38 -3.01 13.88 -33.81
CA ALA C 38 -2.50 13.35 -32.53
C ALA C 38 -1.56 14.36 -31.88
N LYS C 39 -0.71 14.96 -32.70
CA LYS C 39 0.26 15.92 -32.22
C LYS C 39 -0.40 17.22 -31.78
N ARG C 40 -1.49 17.60 -32.46
CA ARG C 40 -2.26 18.79 -32.06
C ARG C 40 -2.95 18.62 -30.66
N TYR C 41 -3.44 17.43 -30.35
CA TYR C 41 -3.97 17.20 -28.98
C TYR C 41 -2.82 17.47 -27.98
N LEU C 42 -1.62 16.94 -28.26
CA LEU C 42 -0.46 17.17 -27.38
C LEU C 42 -0.11 18.62 -27.15
N ASN C 43 0.00 19.37 -28.24
CA ASN C 43 0.30 20.79 -28.17
C ASN C 43 -0.83 21.59 -27.51
N ASN C 44 -2.06 21.22 -27.79
CA ASN C 44 -3.24 21.81 -27.06
C ASN C 44 -3.11 21.60 -25.51
N ALA C 45 -2.68 20.39 -25.12
CA ALA C 45 -2.45 20.06 -23.70
C ALA C 45 -1.32 20.87 -23.12
N LYS C 46 -0.23 21.05 -23.85
CA LYS C 46 0.90 21.87 -23.37
C LYS C 46 0.45 23.32 -23.24
N ASP C 47 -0.34 23.76 -24.22
CA ASP C 47 -0.90 25.12 -24.21
C ASP C 47 -1.79 25.37 -22.98
N ILE C 48 -2.60 24.39 -22.68
CA ILE C 48 -3.46 24.46 -21.49
C ILE C 48 -2.62 24.59 -20.22
N LEU C 49 -1.57 23.79 -20.07
CA LEU C 49 -0.78 23.84 -18.86
C LEU C 49 -0.09 25.20 -18.76
N ARG C 50 0.47 25.63 -19.88
CA ARG C 50 1.16 26.90 -19.92
C ARG C 50 0.22 28.02 -19.58
N ASP C 51 -0.96 28.02 -20.17
CA ASP C 51 -1.82 29.16 -20.00
C ASP C 51 -2.72 29.12 -18.75
N LYS C 52 -3.15 27.94 -18.33
CA LYS C 52 -4.11 27.81 -17.25
C LYS C 52 -3.65 26.93 -16.10
N GLY C 53 -2.55 26.18 -16.29
CA GLY C 53 -2.08 25.23 -15.29
C GLY C 53 -1.67 25.84 -13.97
N GLY C 54 -1.35 27.13 -13.97
CA GLY C 54 -0.83 27.86 -12.78
C GLY C 54 0.46 27.27 -12.18
N LYS C 55 1.48 27.09 -13.00
CA LYS C 55 2.75 26.60 -12.45
C LYS C 55 3.35 27.51 -11.35
N GLU C 56 3.52 26.98 -10.16
CA GLU C 56 4.24 27.66 -9.08
C GLU C 56 5.18 26.66 -8.44
N ASP C 57 6.46 27.00 -8.30
CA ASP C 57 7.44 26.16 -7.59
C ASP C 57 7.49 24.71 -8.07
N GLY C 58 7.51 24.51 -9.38
CA GLY C 58 7.56 23.18 -9.97
C GLY C 58 6.24 22.40 -10.05
N PHE C 59 5.12 22.97 -9.57
CA PHE C 59 3.80 22.30 -9.63
C PHE C 59 2.68 23.15 -10.25
N TYR C 60 1.94 22.52 -11.15
CA TYR C 60 0.72 23.13 -11.72
C TYR C 60 -0.29 23.13 -10.65
N GLN C 61 -0.68 24.31 -10.14
CA GLN C 61 -1.57 24.37 -8.97
C GLN C 61 -3.07 24.25 -9.28
N ASP C 62 -3.48 24.48 -10.52
CA ASP C 62 -4.94 24.49 -10.85
C ASP C 62 -5.30 23.09 -11.37
N SER C 63 -5.81 22.30 -10.46
CA SER C 63 -6.04 20.88 -10.71
CA SER C 63 -5.99 20.87 -10.72
C SER C 63 -6.93 20.58 -11.90
N LYS C 64 -7.97 21.36 -12.08
CA LYS C 64 -8.93 21.09 -13.19
C LYS C 64 -8.22 21.18 -14.54
N TYR C 65 -7.23 22.06 -14.67
CA TYR C 65 -6.49 22.18 -15.94
C TYR C 65 -5.39 21.11 -16.09
N VAL C 66 -4.87 20.61 -14.97
CA VAL C 66 -4.00 19.43 -15.00
C VAL C 66 -4.81 18.24 -15.52
N LYS C 67 -6.05 18.11 -15.05
CA LYS C 67 -6.92 17.01 -15.51
C LYS C 67 -7.24 17.17 -17.02
N MSE C 68 -7.61 18.38 -17.41
CA MSE C 68 -7.96 18.66 -18.81
CA MSE C 68 -7.96 18.67 -18.81
C MSE C 68 -6.76 18.35 -19.69
O MSE C 68 -6.90 17.65 -20.73
CB MSE C 68 -8.42 20.11 -19.01
CB MSE C 68 -8.39 20.12 -18.97
CG MSE C 68 -8.76 20.46 -20.49
CG MSE C 68 -8.92 20.50 -20.36
SE MSE C 68 -9.71 22.16 -20.63
SE MSE C 68 -9.37 22.38 -20.38
CE MSE C 68 -8.62 23.27 -19.54
CE MSE C 68 -9.73 22.53 -22.31
N ALA C 69 -5.58 18.85 -19.29
CA ALA C 69 -4.37 18.67 -20.08
C ALA C 69 -4.01 17.23 -20.20
N GLY C 70 -4.04 16.53 -19.09
CA GLY C 70 -3.73 15.09 -19.07
C GLY C 70 -4.72 14.31 -19.93
N HIS C 71 -6.00 14.64 -19.86
CA HIS C 71 -7.01 13.88 -20.61
C HIS C 71 -6.83 14.13 -22.13
N THR C 72 -6.55 15.37 -22.47
CA THR C 72 -6.38 15.78 -23.86
C THR C 72 -5.11 15.11 -24.44
N ALA C 73 -4.01 15.15 -23.69
CA ALA C 73 -2.78 14.52 -24.15
C ALA C 73 -2.97 13.03 -24.32
N TYR C 74 -3.56 12.40 -23.33
CA TYR C 74 -3.88 10.98 -23.42
C TYR C 74 -4.74 10.68 -24.66
N SER C 75 -5.76 11.51 -24.91
CA SER C 75 -6.64 11.30 -26.08
C SER C 75 -5.85 11.41 -27.39
N GLY C 76 -4.82 12.24 -27.41
CA GLY C 76 -3.97 12.37 -28.58
C GLY C 76 -3.22 11.07 -28.85
N VAL C 77 -2.70 10.47 -27.78
CA VAL C 77 -2.04 9.20 -27.88
C VAL C 77 -3.01 8.12 -28.41
N LEU C 78 -4.19 8.02 -27.82
CA LEU C 78 -5.20 7.09 -28.27
C LEU C 78 -5.67 7.35 -29.73
N PHE C 79 -5.71 8.61 -30.17
CA PHE C 79 -6.06 8.93 -31.55
CA PHE C 79 -6.06 8.93 -31.55
C PHE C 79 -5.06 8.33 -32.52
N ALA C 80 -3.77 8.59 -32.26
CA ALA C 80 -2.69 7.99 -33.05
C ALA C 80 -2.78 6.46 -33.07
N LEU C 81 -2.91 5.87 -31.89
CA LEU C 81 -3.00 4.41 -31.81
C LEU C 81 -4.27 3.86 -32.45
N ASP C 82 -5.38 4.59 -32.34
CA ASP C 82 -6.68 4.18 -32.94
C ASP C 82 -6.59 4.01 -34.47
N HIS C 83 -5.78 4.86 -35.09
CA HIS C 83 -5.61 4.82 -36.51
C HIS C 83 -4.53 3.83 -36.87
N TYR C 84 -3.40 3.85 -36.16
CA TYR C 84 -2.27 2.99 -36.53
C TYR C 84 -2.62 1.51 -36.42
N PHE C 85 -3.53 1.16 -35.52
CA PHE C 85 -3.84 -0.24 -35.27
C PHE C 85 -5.02 -0.68 -36.09
N GLY C 86 -6.20 -0.67 -35.50
CA GLY C 86 -7.41 -1.11 -36.19
C GLY C 86 -8.64 -0.53 -35.51
N LYS C 87 -9.81 -0.97 -35.98
CA LYS C 87 -11.07 -0.75 -35.25
C LYS C 87 -11.41 -2.12 -34.66
N LYS C 88 -11.86 -2.15 -33.40
CA LYS C 88 -12.16 -3.44 -32.73
C LYS C 88 -13.66 -3.75 -32.76
N THR C 89 -13.97 -5.02 -33.04
CA THR C 89 -15.34 -5.51 -32.95
C THR C 89 -15.69 -5.77 -31.48
N LYS C 90 -16.99 -5.69 -31.16
CA LYS C 90 -17.53 -6.13 -29.85
C LYS C 90 -17.03 -5.32 -28.64
N GLY C 91 -17.59 -4.13 -28.46
CA GLY C 91 -17.52 -3.42 -27.18
C GLY C 91 -16.37 -2.43 -26.99
N ARG C 92 -16.45 -1.67 -25.90
CA ARG C 92 -15.54 -0.54 -25.61
C ARG C 92 -14.01 -0.88 -25.61
N LYS C 93 -13.19 0.12 -25.99
CA LYS C 93 -11.73 -0.02 -26.11
C LYS C 93 -11.00 0.52 -24.88
N ASP C 94 -10.56 -0.39 -24.00
CA ASP C 94 -9.91 0.02 -22.75
C ASP C 94 -8.40 -0.10 -22.86
N VAL C 95 -7.73 0.07 -21.74
CA VAL C 95 -6.29 0.11 -21.72
C VAL C 95 -5.73 -1.24 -22.19
N ASP C 96 -6.43 -2.31 -21.89
CA ASP C 96 -5.98 -3.64 -22.26
C ASP C 96 -5.89 -3.82 -23.77
N TRP C 97 -6.92 -3.33 -24.46
CA TRP C 97 -6.96 -3.39 -25.90
C TRP C 97 -5.69 -2.75 -26.45
N TYR C 98 -5.34 -1.54 -25.98
CA TYR C 98 -4.11 -0.91 -26.49
C TYR C 98 -2.83 -1.73 -26.10
N LYS C 99 -2.81 -2.23 -24.88
CA LYS C 99 -1.68 -3.01 -24.38
C LYS C 99 -1.42 -4.27 -25.23
N SER C 100 -2.47 -5.02 -25.53
CA SER C 100 -2.34 -6.21 -26.40
C SER C 100 -1.67 -5.90 -27.71
N ASN C 101 -2.17 -4.88 -28.37
CA ASN C 101 -1.71 -4.49 -29.69
C ASN C 101 -0.27 -4.08 -29.66
N LEU C 102 0.11 -3.24 -28.68
CA LEU C 102 1.50 -2.82 -28.62
C LEU C 102 2.43 -3.96 -28.26
N ALA C 103 1.93 -4.94 -27.50
CA ALA C 103 2.77 -5.99 -26.93
C ALA C 103 3.25 -6.91 -28.05
N GLN C 104 2.57 -6.88 -29.18
CA GLN C 104 2.93 -7.70 -30.32
C GLN C 104 3.94 -7.01 -31.25
N GLN C 105 4.25 -5.75 -30.99
CA GLN C 105 5.00 -4.93 -31.93
C GLN C 105 6.35 -4.45 -31.35
N ASP C 106 6.34 -3.93 -30.12
CA ASP C 106 7.50 -3.22 -29.61
C ASP C 106 7.37 -3.02 -28.10
N LYS C 107 8.14 -3.78 -27.35
CA LYS C 107 8.07 -3.81 -25.91
C LYS C 107 8.47 -2.47 -25.30
N LYS C 108 9.48 -1.82 -25.86
CA LYS C 108 9.81 -0.45 -25.45
C LYS C 108 8.56 0.49 -25.54
N ILE C 109 7.84 0.40 -26.65
CA ILE C 109 6.70 1.30 -26.84
C ILE C 109 5.52 0.92 -25.94
N LEU C 110 5.25 -0.36 -25.76
CA LEU C 110 4.29 -0.81 -24.75
C LEU C 110 4.62 -0.18 -23.36
N ASN C 111 5.80 -0.44 -22.83
CA ASN C 111 6.23 0.11 -21.56
C ASN C 111 6.08 1.63 -21.49
N THR C 112 6.33 2.29 -22.62
CA THR C 112 6.24 3.72 -22.74
C THR C 112 4.77 4.10 -22.59
N PHE C 113 3.92 3.30 -23.24
CA PHE C 113 2.51 3.53 -23.22
C PHE C 113 1.91 3.34 -21.81
N VAL C 114 2.30 2.27 -21.14
CA VAL C 114 1.77 1.99 -19.80
C VAL C 114 2.22 3.16 -18.94
N SER C 115 3.44 3.64 -19.15
CA SER C 115 3.88 4.81 -18.42
C SER C 115 3.00 6.06 -18.70
N VAL C 116 2.73 6.36 -19.98
CA VAL C 116 1.78 7.42 -20.38
C VAL C 116 0.37 7.24 -19.77
N TYR C 117 -0.14 6.04 -19.79
CA TYR C 117 -1.39 5.75 -19.13
C TYR C 117 -1.36 6.17 -17.64
N GLU C 118 -0.31 5.72 -16.94
CA GLU C 118 -0.17 6.03 -15.52
C GLU C 118 -0.07 7.55 -15.34
N GLN C 119 0.81 8.21 -16.12
CA GLN C 119 1.11 9.59 -15.83
C GLN C 119 0.02 10.59 -16.33
N LEU C 120 -0.52 10.36 -17.52
CA LEU C 120 -1.47 11.24 -18.17
C LEU C 120 -2.92 10.84 -17.86
N HIS C 121 -3.25 9.58 -18.00
CA HIS C 121 -4.61 9.17 -17.75
C HIS C 121 -4.96 9.07 -16.25
N LEU C 122 -4.05 8.57 -15.39
CA LEU C 122 -4.38 8.43 -13.96
C LEU C 122 -3.86 9.60 -13.09
N VAL C 123 -2.55 9.80 -13.03
CA VAL C 123 -2.02 10.84 -12.18
C VAL C 123 -2.57 12.23 -12.54
N MSE C 124 -2.48 12.59 -13.83
CA MSE C 124 -3.02 13.90 -14.25
C MSE C 124 -4.57 13.90 -14.39
O MSE C 124 -5.27 14.61 -13.67
CB MSE C 124 -2.37 14.35 -15.58
CG MSE C 124 -0.92 14.67 -15.42
SE MSE C 124 -0.14 15.17 -17.12
CE MSE C 124 -0.80 17.01 -17.06
N ALA C 125 -5.11 13.09 -15.29
CA ALA C 125 -6.51 13.23 -15.69
C ALA C 125 -7.45 12.85 -14.63
N TYR C 126 -7.06 11.91 -13.77
CA TYR C 126 -7.94 11.49 -12.70
C TYR C 126 -7.62 12.15 -11.35
N ASP C 127 -6.36 12.10 -10.96
CA ASP C 127 -5.92 12.63 -9.63
C ASP C 127 -5.63 14.12 -9.63
N GLY C 128 -5.41 14.70 -10.81
CA GLY C 128 -5.21 16.16 -10.90
C GLY C 128 -3.84 16.63 -10.41
N VAL C 129 -2.83 15.75 -10.44
CA VAL C 129 -1.50 16.07 -9.87
C VAL C 129 -0.54 16.34 -11.01
N GLY C 130 0.02 17.55 -10.98
CA GLY C 130 0.92 18.04 -12.04
C GLY C 130 2.25 18.46 -11.48
N ASP C 131 3.11 17.48 -11.21
CA ASP C 131 4.51 17.73 -10.92
C ASP C 131 5.15 18.08 -12.29
N ALA C 132 5.55 19.33 -12.51
CA ALA C 132 5.92 19.79 -13.85
C ALA C 132 7.01 18.94 -14.53
N GLU C 133 8.06 18.57 -13.80
CA GLU C 133 9.15 17.73 -14.36
C GLU C 133 8.64 16.37 -14.75
N VAL C 134 7.78 15.77 -13.94
CA VAL C 134 7.20 14.45 -14.28
C VAL C 134 6.30 14.60 -15.50
N VAL C 135 5.43 15.60 -15.49
CA VAL C 135 4.58 15.88 -16.66
C VAL C 135 5.40 16.03 -17.93
N LYS C 136 6.49 16.80 -17.87
CA LYS C 136 7.31 17.01 -19.08
C LYS C 136 7.75 15.64 -19.56
N LEU C 137 8.19 14.78 -18.64
CA LEU C 137 8.57 13.43 -19.03
C LEU C 137 7.40 12.67 -19.63
N GLY C 138 6.23 12.79 -19.03
CA GLY C 138 5.06 12.02 -19.54
C GLY C 138 4.69 12.44 -20.95
N PHE C 139 4.76 13.73 -21.21
CA PHE C 139 4.53 14.24 -22.58
C PHE C 139 5.63 13.81 -23.54
N GLN C 140 6.88 13.78 -23.06
CA GLN C 140 7.98 13.22 -23.90
C GLN C 140 7.61 11.79 -24.27
N ARG C 141 7.07 11.02 -23.32
CA ARG C 141 6.69 9.62 -23.62
C ARG C 141 5.54 9.54 -24.61
N ALA C 142 4.58 10.45 -24.49
CA ALA C 142 3.46 10.47 -25.42
C ALA C 142 3.96 10.80 -26.82
N GLU C 143 4.82 11.82 -26.93
N GLU C 143 4.83 11.81 -26.88
CA GLU C 143 5.42 12.22 -28.24
CA GLU C 143 5.47 12.29 -28.11
C GLU C 143 6.23 11.09 -28.87
C GLU C 143 6.32 11.21 -28.81
N ILE C 144 6.87 10.28 -28.03
CA ILE C 144 7.61 9.11 -28.50
C ILE C 144 6.65 8.12 -29.13
N ILE C 145 5.49 7.93 -28.53
CA ILE C 145 4.51 6.98 -29.08
C ILE C 145 3.94 7.52 -30.39
N ILE C 146 3.70 8.85 -30.45
CA ILE C 146 3.12 9.48 -31.67
C ILE C 146 4.13 9.35 -32.84
N ASP C 147 5.39 9.71 -32.57
CA ASP C 147 6.52 9.65 -33.51
C ASP C 147 6.89 8.25 -33.92
N TRP C 148 6.57 7.30 -33.09
CA TRP C 148 6.72 5.90 -33.41
C TRP C 148 5.69 5.55 -34.44
N VAL C 149 4.43 5.72 -34.10
CA VAL C 149 3.34 5.51 -35.06
C VAL C 149 3.64 6.14 -36.43
N GLU C 150 4.25 7.33 -36.42
CA GLU C 150 4.54 8.07 -37.63
C GLU C 150 5.69 7.44 -38.36
N ARG C 151 6.69 6.96 -37.61
CA ARG C 151 7.81 6.26 -38.23
C ARG C 151 7.34 4.97 -38.87
N ARG C 152 6.56 4.17 -38.13
CA ARG C 152 6.10 2.88 -38.64
C ARG C 152 5.30 3.06 -39.90
N LEU C 153 4.35 3.99 -39.86
CA LEU C 153 3.74 4.53 -41.05
C LEU C 153 4.62 4.47 -42.31
N LEU D 29 -7.28 -1.47 45.59
CA LEU D 29 -6.86 -2.58 44.67
C LEU D 29 -5.37 -2.88 44.79
N SER D 30 -5.05 -4.17 44.66
CA SER D 30 -3.79 -4.74 45.11
C SER D 30 -3.21 -5.48 43.95
N ALA D 31 -1.94 -5.87 44.10
CA ALA D 31 -1.20 -6.51 43.02
C ALA D 31 -2.04 -7.62 42.43
N GLN D 32 -2.47 -8.56 43.26
CA GLN D 32 -3.23 -9.72 42.76
C GLN D 32 -4.65 -9.34 42.28
N GLU D 33 -5.33 -8.46 43.02
CA GLU D 33 -6.67 -7.98 42.66
C GLU D 33 -6.70 -7.34 41.26
N ALA D 34 -5.71 -6.48 40.97
CA ALA D 34 -5.51 -5.92 39.62
C ALA D 34 -5.44 -6.94 38.48
N VAL D 35 -4.70 -8.02 38.73
CA VAL D 35 -4.55 -9.05 37.72
C VAL D 35 -5.86 -9.80 37.51
N ILE D 36 -6.54 -10.10 38.63
CA ILE D 36 -7.88 -10.67 38.63
C ILE D 36 -8.83 -9.81 37.80
N GLU D 37 -8.79 -8.51 38.06
CA GLU D 37 -9.65 -7.59 37.34
C GLU D 37 -9.36 -7.64 35.83
N ALA D 38 -8.10 -7.52 35.46
CA ALA D 38 -7.71 -7.59 34.04
C ALA D 38 -8.20 -8.88 33.41
N LYS D 39 -8.08 -9.99 34.12
CA LYS D 39 -8.56 -11.28 33.61
C LYS D 39 -10.08 -11.30 33.50
N ARG D 40 -10.76 -10.59 34.37
CA ARG D 40 -12.22 -10.49 34.26
C ARG D 40 -12.62 -9.82 32.92
N TYR D 41 -11.94 -8.74 32.57
CA TYR D 41 -12.13 -8.09 31.26
C TYR D 41 -11.97 -9.10 30.12
N LEU D 42 -10.86 -9.82 30.16
CA LEU D 42 -10.54 -10.79 29.12
C LEU D 42 -11.68 -11.81 29.03
N ASN D 43 -12.09 -12.35 30.19
CA ASN D 43 -13.17 -13.34 30.22
C ASN D 43 -14.51 -12.77 29.73
N ASN D 44 -14.82 -11.53 30.12
CA ASN D 44 -16.02 -10.88 29.59
C ASN D 44 -15.98 -10.73 28.07
N ALA D 45 -14.81 -10.40 27.51
CA ALA D 45 -14.67 -10.34 26.04
C ALA D 45 -14.94 -11.71 25.36
N LYS D 46 -14.38 -12.81 25.90
CA LYS D 46 -14.64 -14.14 25.33
C LYS D 46 -16.14 -14.46 25.38
N ASP D 47 -16.78 -14.15 26.50
CA ASP D 47 -18.21 -14.34 26.64
C ASP D 47 -18.97 -13.59 25.57
N ILE D 48 -18.64 -12.33 25.36
CA ILE D 48 -19.28 -11.51 24.32
C ILE D 48 -19.20 -12.18 22.95
N LEU D 49 -18.02 -12.69 22.62
CA LEU D 49 -17.79 -13.35 21.33
C LEU D 49 -18.62 -14.63 21.18
N ARG D 50 -18.46 -15.55 22.12
CA ARG D 50 -19.20 -16.79 22.09
C ARG D 50 -20.71 -16.51 22.08
N ASP D 51 -21.17 -15.54 22.86
CA ASP D 51 -22.62 -15.33 22.99
C ASP D 51 -23.25 -14.54 21.85
N LYS D 52 -22.60 -13.45 21.43
CA LYS D 52 -23.16 -12.53 20.44
C LYS D 52 -22.25 -12.27 19.23
N GLY D 53 -21.07 -12.88 19.20
CA GLY D 53 -20.14 -12.70 18.07
C GLY D 53 -20.70 -13.27 16.78
N GLY D 54 -21.56 -14.28 16.89
CA GLY D 54 -22.18 -14.88 15.71
C GLY D 54 -21.17 -15.58 14.85
N LYS D 55 -20.32 -16.41 15.47
CA LYS D 55 -19.30 -17.15 14.75
C LYS D 55 -19.94 -18.09 13.74
N GLU D 56 -19.65 -17.86 12.47
CA GLU D 56 -20.01 -18.75 11.40
C GLU D 56 -18.81 -18.94 10.46
N ASP D 57 -18.52 -20.19 10.09
CA ASP D 57 -17.47 -20.46 9.11
C ASP D 57 -16.12 -19.79 9.41
N GLY D 58 -15.72 -19.75 10.68
CA GLY D 58 -14.41 -19.27 11.07
C GLY D 58 -14.29 -17.75 11.27
N PHE D 59 -15.43 -17.05 11.08
CA PHE D 59 -15.49 -15.62 11.32
C PHE D 59 -16.63 -15.23 12.24
N TYR D 60 -16.36 -14.28 13.14
CA TYR D 60 -17.44 -13.67 13.92
C TYR D 60 -18.20 -12.70 13.05
N GLN D 61 -19.47 -13.00 12.73
CA GLN D 61 -20.20 -12.22 11.71
C GLN D 61 -20.73 -10.86 12.18
N ASP D 62 -20.91 -10.70 13.49
CA ASP D 62 -21.48 -9.49 14.02
C ASP D 62 -20.37 -8.51 14.37
N SER D 63 -20.01 -7.60 13.46
CA SER D 63 -18.91 -6.68 13.72
C SER D 63 -19.12 -5.77 14.96
N LYS D 64 -20.38 -5.49 15.32
CA LYS D 64 -20.64 -4.67 16.49
C LYS D 64 -20.04 -5.33 17.76
N TYR D 65 -20.18 -6.66 17.87
CA TYR D 65 -19.71 -7.36 19.05
C TYR D 65 -18.23 -7.75 18.98
N VAL D 66 -17.70 -7.88 17.78
CA VAL D 66 -16.25 -8.02 17.61
C VAL D 66 -15.62 -6.76 18.15
N LYS D 67 -16.13 -5.60 17.76
CA LYS D 67 -15.56 -4.34 18.28
C LYS D 67 -15.67 -4.30 19.80
N MSE D 68 -16.83 -4.58 20.36
CA MSE D 68 -16.96 -4.54 21.82
CA MSE D 68 -16.95 -4.51 21.81
C MSE D 68 -15.99 -5.50 22.47
O MSE D 68 -15.34 -5.15 23.47
CB MSE D 68 -18.39 -4.84 22.28
CB MSE D 68 -18.41 -4.64 22.28
CG MSE D 68 -18.67 -4.36 23.71
CG MSE D 68 -19.08 -3.27 22.51
SE MSE D 68 -20.55 -4.22 24.13
SE MSE D 68 -21.01 -3.12 22.11
CE MSE D 68 -21.01 -6.12 24.11
CE MSE D 68 -21.12 -1.23 21.58
N ALA D 69 -15.84 -6.70 21.90
CA ALA D 69 -14.97 -7.73 22.49
C ALA D 69 -13.51 -7.32 22.42
N GLY D 70 -13.06 -6.78 21.29
CA GLY D 70 -11.72 -6.24 21.21
C GLY D 70 -11.44 -5.11 22.18
N HIS D 71 -12.39 -4.21 22.33
CA HIS D 71 -12.22 -3.05 23.21
C HIS D 71 -12.15 -3.50 24.68
N THR D 72 -12.99 -4.44 25.05
CA THR D 72 -13.01 -4.93 26.43
C THR D 72 -11.67 -5.66 26.72
N ALA D 73 -11.27 -6.55 25.83
CA ALA D 73 -10.01 -7.27 26.06
C ALA D 73 -8.77 -6.37 26.15
N TYR D 74 -8.65 -5.44 25.22
CA TYR D 74 -7.55 -4.48 25.24
C TYR D 74 -7.56 -3.68 26.53
N SER D 75 -8.74 -3.31 27.00
CA SER D 75 -8.84 -2.50 28.23
C SER D 75 -8.34 -3.30 29.43
N GLY D 76 -8.54 -4.62 29.40
CA GLY D 76 -8.00 -5.49 30.44
C GLY D 76 -6.47 -5.59 30.45
N VAL D 77 -5.86 -5.64 29.27
CA VAL D 77 -4.41 -5.64 29.17
C VAL D 77 -3.91 -4.29 29.69
N LEU D 78 -4.54 -3.20 29.27
CA LEU D 78 -4.18 -1.88 29.76
C LEU D 78 -4.37 -1.75 31.30
N PHE D 79 -5.41 -2.35 31.86
CA PHE D 79 -5.55 -2.26 33.32
CA PHE D 79 -5.60 -2.32 33.34
C PHE D 79 -4.42 -3.02 34.04
N ALA D 80 -4.06 -4.20 33.55
CA ALA D 80 -2.94 -4.96 34.11
C ALA D 80 -1.67 -4.11 34.08
N LEU D 81 -1.31 -3.62 32.90
CA LEU D 81 -0.11 -2.83 32.74
C LEU D 81 -0.14 -1.53 33.53
N ASP D 82 -1.26 -0.80 33.47
CA ASP D 82 -1.38 0.46 34.20
C ASP D 82 -1.04 0.28 35.67
N HIS D 83 -1.64 -0.74 36.31
CA HIS D 83 -1.35 -1.04 37.71
CA HIS D 83 -1.36 -1.00 37.71
C HIS D 83 0.13 -1.31 37.90
N TYR D 84 0.70 -2.16 37.04
CA TYR D 84 2.13 -2.44 37.13
C TYR D 84 2.97 -1.15 37.08
N PHE D 85 2.74 -0.31 36.09
CA PHE D 85 3.62 0.83 35.84
C PHE D 85 3.31 2.16 36.60
N GLY D 86 2.18 2.28 37.27
CA GLY D 86 1.88 3.48 38.11
C GLY D 86 1.04 4.56 37.46
N LYS D 93 -3.80 7.05 27.53
CA LYS D 93 -2.36 6.95 27.25
C LYS D 93 -2.15 6.18 25.98
N ASP D 94 -1.31 6.69 25.09
CA ASP D 94 -1.16 6.07 23.77
C ASP D 94 -0.12 4.94 23.74
N VAL D 95 -0.08 4.26 22.60
CA VAL D 95 0.60 2.99 22.49
C VAL D 95 2.08 3.16 22.86
N ASP D 96 2.69 4.29 22.49
CA ASP D 96 4.13 4.52 22.69
C ASP D 96 4.53 4.63 24.17
N TRP D 97 3.59 4.90 25.04
CA TRP D 97 3.88 4.99 26.48
C TRP D 97 4.04 3.61 27.07
N TYR D 98 3.15 2.70 26.69
CA TYR D 98 3.22 1.32 27.12
C TYR D 98 4.46 0.63 26.50
N LYS D 99 4.72 0.94 25.23
CA LYS D 99 5.90 0.43 24.54
C LYS D 99 7.22 0.82 25.23
N SER D 100 7.42 2.11 25.48
CA SER D 100 8.67 2.59 26.12
C SER D 100 8.88 1.87 27.45
N ASN D 101 7.82 1.80 28.24
CA ASN D 101 7.83 1.10 29.53
CA ASN D 101 7.86 1.12 29.54
C ASN D 101 8.10 -0.39 29.43
N LEU D 102 7.58 -1.01 28.38
CA LEU D 102 7.81 -2.44 28.18
C LEU D 102 9.22 -2.73 27.62
N ALA D 103 9.75 -1.80 26.84
CA ALA D 103 11.03 -1.96 26.15
C ALA D 103 12.24 -1.88 27.09
N GLN D 104 12.09 -1.25 28.22
CA GLN D 104 13.17 -1.22 29.21
C GLN D 104 13.23 -2.60 29.93
N GLN D 105 12.08 -3.27 29.97
CA GLN D 105 11.83 -4.51 30.71
C GLN D 105 12.18 -5.83 30.01
N ASP D 106 11.55 -6.07 28.86
CA ASP D 106 11.50 -7.38 28.22
C ASP D 106 10.96 -7.28 26.79
N LYS D 107 11.89 -7.27 25.83
CA LYS D 107 11.62 -7.24 24.39
C LYS D 107 10.49 -8.18 23.92
N LYS D 108 10.48 -9.44 24.37
CA LYS D 108 9.46 -10.37 23.88
C LYS D 108 8.05 -9.93 24.30
N ILE D 109 7.93 -9.34 25.48
CA ILE D 109 6.62 -8.91 25.95
C ILE D 109 6.25 -7.63 25.25
N LEU D 110 7.25 -6.81 24.92
CA LEU D 110 7.04 -5.66 24.04
C LEU D 110 6.38 -6.09 22.75
N ASN D 111 6.99 -7.03 22.03
CA ASN D 111 6.46 -7.46 20.73
C ASN D 111 5.11 -8.12 20.90
N THR D 112 4.92 -8.83 22.01
CA THR D 112 3.62 -9.44 22.28
C THR D 112 2.55 -8.37 22.45
N PHE D 113 2.89 -7.32 23.18
CA PHE D 113 1.96 -6.22 23.39
C PHE D 113 1.62 -5.49 22.07
N VAL D 114 2.63 -5.23 21.24
CA VAL D 114 2.39 -4.55 19.96
C VAL D 114 1.42 -5.43 19.12
N SER D 115 1.57 -6.74 19.16
CA SER D 115 0.64 -7.60 18.42
C SER D 115 -0.77 -7.47 19.02
N VAL D 116 -0.85 -7.40 20.36
CA VAL D 116 -2.15 -7.24 21.01
C VAL D 116 -2.80 -5.92 20.59
N TYR D 117 -1.99 -4.86 20.51
CA TYR D 117 -2.47 -3.59 20.06
C TYR D 117 -3.04 -3.74 18.62
N GLU D 118 -2.34 -4.49 17.78
CA GLU D 118 -2.73 -4.53 16.39
C GLU D 118 -4.03 -5.33 16.30
N GLN D 119 -4.04 -6.49 16.95
CA GLN D 119 -5.13 -7.42 16.77
C GLN D 119 -6.41 -7.08 17.56
N LEU D 120 -6.28 -6.56 18.79
CA LEU D 120 -7.42 -6.29 19.64
C LEU D 120 -7.90 -4.84 19.55
N HIS D 121 -6.98 -3.90 19.67
CA HIS D 121 -7.27 -2.46 19.59
C HIS D 121 -7.59 -2.02 18.15
N LEU D 122 -6.90 -2.56 17.13
CA LEU D 122 -7.14 -2.04 15.75
C LEU D 122 -8.00 -2.97 14.89
N VAL D 123 -7.51 -4.15 14.62
CA VAL D 123 -8.29 -5.08 13.80
C VAL D 123 -9.71 -5.35 14.35
N MSE D 124 -9.79 -5.66 15.64
CA MSE D 124 -11.10 -5.93 16.25
CA MSE D 124 -11.09 -5.94 16.24
C MSE D 124 -11.80 -4.64 16.67
O MSE D 124 -12.89 -4.37 16.21
CB MSE D 124 -10.97 -6.88 17.45
CB MSE D 124 -10.96 -6.88 17.44
CG MSE D 124 -10.61 -8.29 17.08
CG MSE D 124 -10.48 -8.25 17.10
SE MSE D 124 -10.56 -9.43 18.65
SE MSE D 124 -10.12 -9.26 18.71
CE MSE D 124 -9.70 -8.27 19.86
CE MSE D 124 -12.01 -9.58 19.15
N ALA D 125 -11.18 -3.86 17.55
CA ALA D 125 -11.91 -2.71 18.19
C ALA D 125 -12.24 -1.60 17.24
N TYR D 126 -11.38 -1.35 16.24
CA TYR D 126 -11.64 -0.27 15.27
C TYR D 126 -12.26 -0.81 13.95
N ASP D 127 -11.71 -1.90 13.39
CA ASP D 127 -12.21 -2.37 12.09
C ASP D 127 -13.36 -3.35 12.22
N GLY D 128 -13.54 -3.99 13.39
CA GLY D 128 -14.61 -4.94 13.58
C GLY D 128 -14.44 -6.29 12.91
N VAL D 129 -13.20 -6.69 12.62
CA VAL D 129 -12.92 -7.90 11.81
C VAL D 129 -12.54 -8.98 12.81
N GLY D 130 -13.24 -10.09 12.77
CA GLY D 130 -13.05 -11.16 13.74
C GLY D 130 -12.88 -12.53 13.08
N ASP D 131 -11.70 -12.76 12.55
CA ASP D 131 -11.20 -14.08 12.09
C ASP D 131 -10.93 -14.93 13.34
N ALA D 132 -11.73 -15.95 13.57
CA ALA D 132 -11.73 -16.62 14.86
C ALA D 132 -10.36 -17.15 15.30
N GLU D 133 -9.69 -17.89 14.41
CA GLU D 133 -8.32 -18.37 14.68
C GLU D 133 -7.39 -17.21 15.01
N VAL D 134 -7.53 -16.10 14.29
CA VAL D 134 -6.64 -14.96 14.58
C VAL D 134 -6.98 -14.38 15.93
N VAL D 135 -8.27 -14.17 16.18
CA VAL D 135 -8.75 -13.67 17.47
C VAL D 135 -8.28 -14.54 18.61
N LYS D 136 -8.36 -15.84 18.41
CA LYS D 136 -7.89 -16.79 19.43
C LYS D 136 -6.43 -16.47 19.79
N LEU D 137 -5.56 -16.29 18.77
CA LEU D 137 -4.16 -15.96 19.03
C LEU D 137 -4.03 -14.64 19.77
N GLY D 138 -4.79 -13.65 19.34
CA GLY D 138 -4.71 -12.35 19.98
C GLY D 138 -5.06 -12.43 21.43
N PHE D 139 -6.11 -13.17 21.73
CA PHE D 139 -6.51 -13.39 23.11
C PHE D 139 -5.41 -14.11 23.90
N GLN D 140 -4.68 -15.03 23.26
CA GLN D 140 -3.61 -15.72 23.99
C GLN D 140 -2.47 -14.77 24.31
N ARG D 141 -2.15 -13.87 23.39
CA ARG D 141 -1.10 -12.89 23.64
C ARG D 141 -1.47 -12.00 24.82
N ALA D 142 -2.74 -11.64 24.88
CA ALA D 142 -3.29 -10.79 25.95
C ALA D 142 -3.06 -11.48 27.29
N GLU D 143 -3.45 -12.75 27.33
CA GLU D 143 -3.28 -13.60 28.52
CA GLU D 143 -3.26 -13.56 28.54
C GLU D 143 -1.80 -13.69 28.93
N ILE D 144 -0.91 -13.76 27.94
CA ILE D 144 0.53 -13.82 28.22
C ILE D 144 0.98 -12.52 28.89
N ILE D 145 0.43 -11.38 28.50
CA ILE D 145 0.86 -10.11 29.10
C ILE D 145 0.36 -9.99 30.52
N ILE D 146 -0.85 -10.43 30.78
CA ILE D 146 -1.41 -10.36 32.13
C ILE D 146 -0.63 -11.30 33.09
N ASP D 147 -0.42 -12.53 32.63
CA ASP D 147 0.45 -13.50 33.31
C ASP D 147 1.83 -12.93 33.55
N TRP D 148 2.42 -12.29 32.56
CA TRP D 148 3.72 -11.68 32.75
C TRP D 148 3.68 -10.70 33.92
N VAL D 149 2.68 -9.83 33.93
CA VAL D 149 2.53 -8.81 34.95
C VAL D 149 2.41 -9.42 36.36
N GLU D 150 1.67 -10.53 36.43
CA GLU D 150 1.37 -11.21 37.68
C GLU D 150 2.63 -11.82 38.30
N ARG D 151 3.47 -12.40 37.43
CA ARG D 151 4.72 -13.00 37.88
C ARG D 151 5.77 -11.94 38.19
N ARG D 152 5.88 -10.89 37.38
CA ARG D 152 6.83 -9.81 37.67
C ARG D 152 6.61 -9.19 39.06
N LEU D 153 5.36 -9.18 39.52
CA LEU D 153 5.06 -8.63 40.84
C LEU D 153 5.43 -9.62 41.95
N ALA D 154 4.98 -10.87 41.79
CA ALA D 154 5.47 -12.01 42.60
C ALA D 154 4.35 -13.02 42.79
C ACT E . -0.77 6.33 3.17
O ACT E . -0.07 7.12 2.62
OXT ACT E . -1.41 5.61 2.40
CH3 ACT E . -0.82 6.30 4.64
#